data_6O26
#
_entry.id   6O26
#
_cell.length_a   67.141
_cell.length_b   68.682
_cell.length_c   104.212
_cell.angle_alpha   90.00
_cell.angle_beta   90.00
_cell.angle_gamma   90.00
#
_symmetry.space_group_name_H-M   'P 21 2 21'
#
loop_
_entity.id
_entity.type
_entity.pdbx_description
1 polymer '3246 Fab heavy chain'
2 polymer '3246 Fab light chain'
3 polymer 'Circumsporozoite protein'
4 non-polymer 2-AMINO-2-HYDROXYMETHYL-PROPANE-1,3-DIOL
5 non-polymer 1,2-ETHANEDIOL
6 non-polymer 'ISOPROPYL ALCOHOL'
7 water water
#
loop_
_entity_poly.entity_id
_entity_poly.type
_entity_poly.pdbx_seq_one_letter_code
_entity_poly.pdbx_strand_id
1 'polypeptide(L)'
;QVQLVESGGGVVQPGRSLRLSCAASGFTFSGSGMHWVRQAPGKGLEWVAIIWYDGSNKFYADSVKGRFTISRDNSKNTLY
LQMNSLRGEDTAVYYCARVGDGDGNYMDVWGKGTTVTVSSASTKGPSVFPLAPSSKSTSGGTAALGCLVKDYFPEPVTVS
WNSGALTSGVHTFPAVLQSSGLYSLSSVVTVPSSSLGTQTYICNVNHKPSNTKVDKKVEPKSC
;
A
2 'polypeptide(L)'
;EIVLTQSPGTLSLSPGERATLSCRASQSVSSSYLAWYQQKPGQAPRLLIYGASSRATGIPDRFSGSGSGTDFTLTISRLE
PEDFAVYFCQQYGSSYTFGQGTKLEIKRTVAAPSVFIFPPSDEQLKSGTASVVCLLNNFYPREAKVQWKVDNALQSGNSQ
ESVTEQDSKDSTYSLSSTLTLSKADYEKHKVYACEVTHQGLSSPVTKSFNRGEC
;
B
3 'polypeptide(L)' PNRNVDENANANSA C
#
# COMPACT_ATOMS: atom_id res chain seq x y z
N GLN A 1 -13.23 21.82 -12.70
CA GLN A 1 -12.83 20.53 -12.17
C GLN A 1 -12.45 20.65 -10.67
N VAL A 2 -13.27 20.01 -9.84
CA VAL A 2 -13.05 20.01 -8.41
C VAL A 2 -11.78 19.22 -8.08
N GLN A 3 -10.85 19.84 -7.37
CA GLN A 3 -9.61 19.14 -7.07
C GLN A 3 -9.02 19.62 -5.75
N LEU A 4 -8.41 18.70 -5.02
CA LEU A 4 -7.72 18.98 -3.76
C LEU A 4 -6.28 18.51 -3.92
N VAL A 5 -5.32 19.29 -3.44
CA VAL A 5 -3.90 18.92 -3.56
C VAL A 5 -3.16 19.15 -2.24
N GLU A 6 -2.69 18.07 -1.62
CA GLU A 6 -2.02 18.19 -0.34
C GLU A 6 -0.53 18.38 -0.56
N SER A 7 0.11 19.04 0.39
CA SER A 7 1.57 19.11 0.37
C SER A 7 2.09 19.23 1.80
N GLY A 8 3.43 19.20 1.91
CA GLY A 8 4.10 19.39 3.18
C GLY A 8 4.59 18.12 3.84
N GLY A 9 4.20 16.96 3.31
CA GLY A 9 4.70 15.72 3.85
C GLY A 9 6.21 15.61 3.75
N GLY A 10 6.80 14.89 4.70
CA GLY A 10 8.23 14.71 4.74
C GLY A 10 8.59 13.81 5.90
N VAL A 11 9.87 13.75 6.19
CA VAL A 11 10.39 13.01 7.33
C VAL A 11 10.48 13.95 8.52
N VAL A 12 10.02 13.47 9.69
CA VAL A 12 10.08 14.24 10.93
C VAL A 12 10.61 13.34 12.04
N GLN A 13 11.51 13.89 12.86
CA GLN A 13 12.00 13.12 13.99
C GLN A 13 10.90 13.03 15.04
N PRO A 14 10.83 11.91 15.77
CA PRO A 14 9.83 11.80 16.83
C PRO A 14 9.90 12.98 17.79
N GLY A 15 8.73 13.48 18.20
CA GLY A 15 8.64 14.60 19.10
C GLY A 15 8.58 15.95 18.41
N ARG A 16 8.92 16.02 17.14
CA ARG A 16 8.97 17.28 16.42
C ARG A 16 7.62 17.55 15.75
N SER A 17 7.55 18.61 14.97
CA SER A 17 6.30 19.13 14.43
C SER A 17 6.36 19.19 12.91
N LEU A 18 5.19 19.16 12.28
CA LEU A 18 5.11 19.40 10.85
C LEU A 18 3.76 20.01 10.52
N ARG A 19 3.71 20.86 9.50
CA ARG A 19 2.44 21.41 9.03
C ARG A 19 2.12 20.92 7.63
N LEU A 20 0.92 20.37 7.45
CA LEU A 20 0.48 20.00 6.12
C LEU A 20 -0.44 21.08 5.59
N SER A 21 -0.53 21.15 4.26
CA SER A 21 -1.42 22.08 3.58
C SER A 21 -2.23 21.32 2.54
N CYS A 22 -3.37 21.89 2.17
CA CYS A 22 -4.20 21.32 1.13
C CYS A 22 -4.79 22.46 0.33
N ALA A 23 -4.51 22.49 -0.98
CA ALA A 23 -5.02 23.55 -1.84
C ALA A 23 -6.25 23.09 -2.59
N ALA A 24 -7.32 23.90 -2.55
CA ALA A 24 -8.59 23.55 -3.17
C ALA A 24 -8.83 24.38 -4.42
N SER A 25 -9.43 23.77 -5.43
CA SER A 25 -9.80 24.54 -6.61
C SER A 25 -11.03 23.93 -7.27
N GLY A 26 -11.73 24.75 -8.05
CA GLY A 26 -12.89 24.29 -8.80
C GLY A 26 -14.22 24.34 -8.08
N PHE A 27 -14.26 24.84 -6.85
CA PHE A 27 -15.52 25.02 -6.12
C PHE A 27 -15.37 26.17 -5.13
N THR A 28 -16.49 26.53 -4.48
CA THR A 28 -16.48 27.64 -3.51
C THR A 28 -16.01 27.11 -2.15
N PHE A 29 -14.70 27.24 -1.92
CA PHE A 29 -14.06 26.60 -0.78
C PHE A 29 -14.66 27.05 0.54
N SER A 30 -15.03 28.32 0.62
CA SER A 30 -15.55 28.85 1.88
C SER A 30 -16.93 28.32 2.22
N GLY A 31 -17.61 27.64 1.29
CA GLY A 31 -18.88 27.04 1.65
C GLY A 31 -18.82 25.61 2.18
N SER A 32 -17.65 24.97 2.19
CA SER A 32 -17.58 23.55 2.53
C SER A 32 -16.78 23.31 3.81
N GLY A 33 -17.31 22.45 4.66
CA GLY A 33 -16.46 21.84 5.67
C GLY A 33 -15.43 20.94 5.02
N MET A 34 -14.35 20.64 5.76
CA MET A 34 -13.24 19.87 5.24
C MET A 34 -12.74 18.90 6.30
N HIS A 35 -12.27 17.72 5.86
CA HIS A 35 -11.70 16.69 6.72
C HIS A 35 -10.22 16.47 6.41
N TRP A 36 -9.48 15.98 7.39
CA TRP A 36 -8.26 15.19 7.17
C TRP A 36 -8.51 13.75 7.59
N VAL A 37 -7.99 12.82 6.80
CA VAL A 37 -8.07 11.37 7.04
C VAL A 37 -6.68 10.84 6.76
N ARG A 38 -6.29 9.75 7.43
CA ARG A 38 -4.95 9.24 7.17
C ARG A 38 -4.99 7.73 7.03
N GLN A 39 -3.90 7.18 6.46
CA GLN A 39 -3.83 5.74 6.20
C GLN A 39 -2.39 5.31 6.41
N ALA A 40 -2.16 4.52 7.45
CA ALA A 40 -0.81 4.04 7.72
C ALA A 40 -0.45 2.92 6.73
N PRO A 41 0.84 2.65 6.54
CA PRO A 41 1.27 1.65 5.54
C PRO A 41 0.67 0.28 5.80
N GLY A 42 -0.07 -0.22 4.81
CA GLY A 42 -0.75 -1.51 4.87
C GLY A 42 -2.06 -1.54 5.63
N LYS A 43 -2.56 -0.40 6.12
CA LYS A 43 -3.71 -0.38 7.01
C LYS A 43 -4.88 0.34 6.35
N GLY A 44 -5.96 0.49 7.11
CA GLY A 44 -7.17 1.09 6.61
C GLY A 44 -7.16 2.58 6.90
N LEU A 45 -8.33 3.18 6.79
CA LEU A 45 -8.49 4.62 6.88
C LEU A 45 -8.80 4.99 8.32
N GLU A 46 -8.28 6.15 8.75
CA GLU A 46 -8.56 6.67 10.09
C GLU A 46 -8.85 8.16 9.97
N TRP A 47 -10.04 8.57 10.38
CA TRP A 47 -10.39 9.99 10.40
C TRP A 47 -9.52 10.71 11.42
N VAL A 48 -9.07 11.93 11.08
CA VAL A 48 -8.18 12.73 11.91
C VAL A 48 -8.89 13.94 12.49
N ALA A 49 -9.52 14.76 11.62
CA ALA A 49 -10.14 15.97 12.14
C ALA A 49 -11.11 16.54 11.09
N ILE A 50 -12.05 17.38 11.56
CA ILE A 50 -12.98 18.07 10.66
C ILE A 50 -12.95 19.54 11.04
N ILE A 51 -13.18 20.42 10.04
CA ILE A 51 -13.31 21.85 10.31
C ILE A 51 -14.52 22.41 9.55
N TRP A 52 -15.27 23.28 10.22
CA TRP A 52 -16.44 23.90 9.62
C TRP A 52 -16.04 24.82 8.46
N TYR A 53 -17.03 25.10 7.60
CA TYR A 53 -16.83 25.95 6.43
C TYR A 53 -16.12 27.26 6.78
N ASP A 54 -16.46 27.87 7.92
CA ASP A 54 -15.94 29.20 8.25
C ASP A 54 -14.84 29.15 9.29
N GLY A 55 -14.35 27.97 9.63
CA GLY A 55 -13.29 27.83 10.59
C GLY A 55 -13.73 27.90 12.03
N SER A 56 -15.05 27.89 12.29
CA SER A 56 -15.54 28.03 13.67
C SER A 56 -15.28 26.72 14.39
N ASN A 57 -16.12 25.70 14.20
CA ASN A 57 -15.96 24.48 15.00
C ASN A 57 -14.87 23.61 14.39
N LYS A 58 -14.12 22.94 15.27
CA LYS A 58 -13.14 21.94 14.89
C LYS A 58 -13.27 20.75 15.83
N PHE A 59 -13.14 19.53 15.29
CA PHE A 59 -13.19 18.34 16.12
C PHE A 59 -12.11 17.35 15.70
N TYR A 60 -11.69 16.51 16.65
CA TYR A 60 -10.49 15.71 16.46
C TYR A 60 -10.74 14.28 16.92
N ALA A 61 -10.06 13.34 16.26
CA ALA A 61 -9.96 11.97 16.76
C ALA A 61 -9.23 11.94 18.11
N ASP A 62 -9.64 11.00 18.98
CA ASP A 62 -8.96 10.87 20.26
C ASP A 62 -7.47 10.63 20.10
N SER A 63 -7.05 10.00 19.00
CA SER A 63 -5.64 9.65 18.86
C SER A 63 -4.75 10.87 18.60
N VAL A 64 -5.33 12.00 18.21
CA VAL A 64 -4.53 13.19 17.88
C VAL A 64 -4.90 14.40 18.73
N LYS A 65 -5.93 14.30 19.58
CA LYS A 65 -6.43 15.46 20.30
C LYS A 65 -5.32 15.99 21.21
N GLY A 66 -5.20 17.31 21.28
CA GLY A 66 -4.15 17.94 22.05
C GLY A 66 -2.82 18.07 21.34
N ARG A 67 -2.59 17.31 20.27
CA ARG A 67 -1.36 17.41 19.48
C ARG A 67 -1.54 18.05 18.12
N PHE A 68 -2.68 17.85 17.47
CA PHE A 68 -2.93 18.31 16.11
C PHE A 68 -3.90 19.49 16.15
N THR A 69 -3.75 20.41 15.19
CA THR A 69 -4.67 21.54 15.05
C THR A 69 -5.05 21.67 13.58
N ILE A 70 -6.37 21.67 13.30
CA ILE A 70 -6.85 21.89 11.95
C ILE A 70 -7.25 23.36 11.81
N SER A 71 -6.95 23.98 10.66
CA SER A 71 -7.26 25.40 10.45
C SER A 71 -7.44 25.61 8.96
N ARG A 72 -7.93 26.80 8.58
CA ARG A 72 -8.10 27.08 7.16
C ARG A 72 -7.97 28.58 6.91
N ASP A 73 -7.64 28.92 5.67
CA ASP A 73 -7.58 30.30 5.23
C ASP A 73 -8.45 30.41 4.00
N ASN A 74 -9.68 30.88 4.19
CA ASN A 74 -10.63 30.87 3.09
C ASN A 74 -10.22 31.84 1.99
N SER A 75 -9.47 32.89 2.33
CA SER A 75 -9.01 33.82 1.31
C SER A 75 -8.00 33.18 0.37
N LYS A 76 -7.30 32.12 0.81
CA LYS A 76 -6.29 31.46 0.00
C LYS A 76 -6.73 30.07 -0.47
N ASN A 77 -8.00 29.71 -0.32
CA ASN A 77 -8.49 28.38 -0.69
C ASN A 77 -7.61 27.27 -0.12
N THR A 78 -7.18 27.42 1.15
CA THR A 78 -6.22 26.48 1.70
C THR A 78 -6.64 25.95 3.07
N LEU A 79 -6.39 24.65 3.28
CA LEU A 79 -6.64 23.93 4.52
C LEU A 79 -5.29 23.52 5.14
N TYR A 80 -5.17 23.57 6.47
CA TYR A 80 -3.91 23.26 7.15
C TYR A 80 -4.12 22.17 8.20
N LEU A 81 -3.07 21.40 8.46
CA LEU A 81 -3.04 20.51 9.63
C LEU A 81 -1.68 20.73 10.32
N GLN A 82 -1.71 21.30 11.52
CA GLN A 82 -0.51 21.47 12.33
C GLN A 82 -0.36 20.23 13.21
N MET A 83 0.76 19.51 13.07
CA MET A 83 0.98 18.28 13.82
C MET A 83 2.17 18.48 14.75
N ASN A 84 1.94 18.35 16.06
CA ASN A 84 2.97 18.50 17.07
C ASN A 84 3.18 17.20 17.81
N SER A 85 4.36 17.06 18.41
CA SER A 85 4.69 15.91 19.24
C SER A 85 4.42 14.62 18.48
N LEU A 86 4.94 14.55 17.26
CA LEU A 86 4.71 13.41 16.38
C LEU A 86 5.35 12.15 16.93
N ARG A 87 4.68 11.03 16.69
CA ARG A 87 5.15 9.71 17.11
C ARG A 87 5.19 8.81 15.90
N GLY A 88 5.92 7.69 16.03
CA GLY A 88 5.98 6.70 14.95
C GLY A 88 4.62 6.28 14.44
N GLU A 89 3.64 6.13 15.34
CA GLU A 89 2.32 5.72 14.92
C GLU A 89 1.54 6.80 14.15
N ASP A 90 2.07 8.02 14.03
CA ASP A 90 1.47 9.02 13.13
C ASP A 90 1.97 8.88 11.69
N THR A 91 2.90 7.98 11.41
CA THR A 91 3.35 7.76 10.03
C THR A 91 2.20 7.28 9.16
N ALA A 92 1.99 7.92 8.02
CA ALA A 92 0.80 7.64 7.21
C ALA A 92 0.80 8.51 5.97
N VAL A 93 -0.04 8.13 5.01
CA VAL A 93 -0.48 9.07 3.98
C VAL A 93 -1.64 9.86 4.56
N TYR A 94 -1.57 11.20 4.46
CA TYR A 94 -2.61 12.10 4.94
C TYR A 94 -3.40 12.65 3.74
N TYR A 95 -4.72 12.48 3.75
CA TYR A 95 -5.61 12.97 2.70
C TYR A 95 -6.46 14.12 3.22
N CYS A 96 -6.69 15.15 2.41
CA CYS A 96 -7.77 16.09 2.72
C CYS A 96 -9.02 15.66 1.94
N ALA A 97 -10.19 15.96 2.50
CA ALA A 97 -11.41 15.59 1.78
C ALA A 97 -12.49 16.62 2.02
N ARG A 98 -13.30 16.87 1.00
CA ARG A 98 -14.39 17.84 1.10
C ARG A 98 -15.63 17.19 1.71
N VAL A 99 -16.36 17.95 2.53
CA VAL A 99 -17.66 17.51 3.07
C VAL A 99 -18.73 17.64 1.99
N GLY A 100 -19.48 16.55 1.77
CA GLY A 100 -20.48 16.52 0.71
C GLY A 100 -21.75 17.29 1.05
N ASP A 101 -22.56 17.53 -0.01
CA ASP A 101 -23.74 18.40 0.08
C ASP A 101 -25.01 17.67 0.49
N GLY A 102 -25.06 16.34 0.41
CA GLY A 102 -26.15 15.59 1.01
C GLY A 102 -26.08 15.68 2.53
N ASP A 103 -27.04 15.04 3.19
CA ASP A 103 -27.07 15.16 4.66
C ASP A 103 -25.80 14.57 5.26
N GLY A 104 -25.27 15.24 6.30
CA GLY A 104 -24.14 14.70 7.06
C GLY A 104 -22.80 14.99 6.41
N ASN A 105 -21.74 14.75 7.17
CA ASN A 105 -20.39 15.19 6.76
C ASN A 105 -19.61 14.05 6.11
N TYR A 106 -20.21 13.37 5.12
CA TYR A 106 -19.43 12.36 4.41
C TYR A 106 -18.42 13.04 3.46
N MET A 107 -17.50 12.26 2.90
CA MET A 107 -16.33 12.80 2.20
C MET A 107 -16.51 12.61 0.70
N ASP A 108 -16.80 13.70 -0.03
CA ASP A 108 -17.19 13.43 -1.41
C ASP A 108 -16.09 13.70 -2.43
N VAL A 109 -15.05 14.44 -2.08
CA VAL A 109 -13.89 14.64 -2.95
C VAL A 109 -12.63 14.47 -2.12
N TRP A 110 -11.66 13.67 -2.63
CA TRP A 110 -10.44 13.43 -1.89
C TRP A 110 -9.24 13.93 -2.68
N GLY A 111 -8.20 14.40 -1.96
CA GLY A 111 -6.93 14.74 -2.60
C GLY A 111 -6.13 13.48 -2.89
N LYS A 112 -4.94 13.66 -3.47
CA LYS A 112 -4.11 12.50 -3.79
C LYS A 112 -3.28 12.04 -2.61
N GLY A 113 -3.15 12.88 -1.58
CA GLY A 113 -2.46 12.51 -0.36
C GLY A 113 -1.02 13.02 -0.33
N THR A 114 -0.48 13.11 0.89
CA THR A 114 0.92 13.47 1.11
C THR A 114 1.45 12.58 2.23
N THR A 115 2.71 12.17 2.14
CA THR A 115 3.26 11.14 3.02
C THR A 115 4.07 11.75 4.15
N VAL A 116 3.79 11.30 5.38
CA VAL A 116 4.53 11.71 6.57
C VAL A 116 5.20 10.47 7.17
N THR A 117 6.51 10.56 7.40
CA THR A 117 7.28 9.49 7.99
C THR A 117 7.91 10.02 9.27
N VAL A 118 7.57 9.42 10.39
CA VAL A 118 8.11 9.80 11.69
C VAL A 118 9.17 8.79 12.05
N SER A 119 10.43 9.22 12.13
CA SER A 119 11.53 8.27 12.32
C SER A 119 12.76 9.06 12.71
N SER A 120 13.62 8.42 13.49
CA SER A 120 14.91 9.00 13.80
C SER A 120 16.00 8.58 12.81
N ALA A 121 15.65 7.79 11.78
CA ALA A 121 16.68 7.38 10.82
C ALA A 121 17.18 8.60 10.03
N SER A 122 18.43 8.51 9.56
CA SER A 122 19.05 9.56 8.76
C SER A 122 18.93 9.23 7.28
N THR A 123 18.82 10.28 6.46
CA THR A 123 18.73 10.11 5.01
C THR A 123 19.92 9.31 4.50
N LYS A 124 19.65 8.31 3.67
CA LYS A 124 20.72 7.43 3.21
C LYS A 124 20.33 6.86 1.87
N GLY A 125 21.25 6.94 0.91
CA GLY A 125 21.06 6.30 -0.37
C GLY A 125 21.26 4.80 -0.32
N PRO A 126 20.66 4.08 -1.27
CA PRO A 126 20.73 2.62 -1.28
C PRO A 126 22.07 2.09 -1.78
N SER A 127 22.42 0.89 -1.28
CA SER A 127 23.35 -0.01 -1.96
C SER A 127 22.56 -0.86 -2.93
N VAL A 128 23.10 -1.06 -4.14
CA VAL A 128 22.41 -1.83 -5.14
C VAL A 128 23.27 -3.04 -5.44
N PHE A 129 22.73 -4.22 -5.20
CA PHE A 129 23.44 -5.48 -5.32
C PHE A 129 22.78 -6.34 -6.39
N PRO A 130 23.54 -7.11 -7.17
CA PRO A 130 22.93 -7.89 -8.24
C PRO A 130 22.26 -9.13 -7.68
N LEU A 131 21.11 -9.49 -8.26
CA LEU A 131 20.54 -10.85 -8.12
C LEU A 131 20.87 -11.59 -9.42
N ALA A 132 21.99 -12.38 -9.40
CA ALA A 132 22.49 -12.83 -10.69
C ALA A 132 21.75 -14.06 -11.21
N PRO A 133 21.57 -14.17 -12.52
CA PRO A 133 20.86 -15.34 -13.07
C PRO A 133 21.62 -16.63 -12.78
N SER A 134 20.86 -17.63 -12.32
CA SER A 134 21.41 -18.94 -11.94
C SER A 134 22.25 -19.59 -13.04
N GLY A 141 14.29 -22.61 -21.69
CA GLY A 141 13.92 -22.25 -20.34
C GLY A 141 13.80 -20.75 -20.06
N THR A 142 13.34 -20.44 -18.86
CA THR A 142 13.21 -19.07 -18.38
C THR A 142 14.20 -18.86 -17.24
N ALA A 143 14.91 -17.73 -17.28
CA ALA A 143 15.77 -17.35 -16.17
C ALA A 143 15.21 -16.11 -15.48
N ALA A 144 15.63 -15.92 -14.24
CA ALA A 144 15.24 -14.74 -13.49
C ALA A 144 16.50 -14.04 -13.04
N LEU A 145 16.48 -12.71 -13.05
CA LEU A 145 17.60 -11.91 -12.54
C LEU A 145 17.02 -10.64 -11.93
N GLY A 146 17.83 -9.91 -11.18
CA GLY A 146 17.26 -8.71 -10.59
C GLY A 146 18.28 -7.88 -9.87
N CYS A 147 17.78 -6.91 -9.10
CA CYS A 147 18.60 -6.03 -8.27
C CYS A 147 17.99 -5.95 -6.89
N LEU A 148 18.84 -6.02 -5.86
CA LEU A 148 18.44 -5.83 -4.48
C LEU A 148 18.86 -4.41 -4.09
N VAL A 149 17.89 -3.60 -3.73
CA VAL A 149 18.09 -2.19 -3.43
C VAL A 149 18.02 -2.05 -1.92
N LYS A 150 19.18 -2.00 -1.26
CA LYS A 150 19.19 -2.26 0.18
C LYS A 150 19.60 -1.04 0.99
N ASP A 151 18.93 -0.88 2.14
CA ASP A 151 19.36 0.01 3.22
C ASP A 151 19.28 1.47 2.82
N TYR A 152 18.09 1.95 2.47
CA TYR A 152 17.91 3.35 2.13
C TYR A 152 16.86 3.97 3.03
N PHE A 153 16.86 5.30 3.07
CA PHE A 153 15.85 5.98 3.87
C PHE A 153 15.79 7.42 3.38
N PRO A 154 14.61 8.01 3.24
CA PRO A 154 13.23 7.52 3.38
C PRO A 154 12.74 6.89 2.10
N GLU A 155 11.50 6.42 2.07
CA GLU A 155 10.87 6.08 0.80
C GLU A 155 10.66 7.36 0.00
N PRO A 156 10.48 7.26 -1.33
CA PRO A 156 10.49 6.06 -2.17
C PRO A 156 11.76 5.91 -3.01
N VAL A 157 11.95 4.74 -3.60
CA VAL A 157 12.89 4.58 -4.70
C VAL A 157 12.06 4.22 -5.92
N THR A 158 12.59 4.55 -7.10
CA THR A 158 12.01 4.06 -8.34
C THR A 158 13.03 3.18 -9.04
N VAL A 159 12.52 2.19 -9.76
CA VAL A 159 13.36 1.23 -10.46
C VAL A 159 12.81 1.05 -11.88
N SER A 160 13.69 1.14 -12.86
CA SER A 160 13.36 0.75 -14.23
C SER A 160 14.47 -0.17 -14.72
N TRP A 161 14.22 -0.83 -15.86
CA TRP A 161 15.19 -1.71 -16.48
C TRP A 161 15.47 -1.22 -17.89
N ASN A 162 16.74 -1.13 -18.24
CA ASN A 162 17.16 -0.64 -19.57
C ASN A 162 16.50 0.70 -19.91
N SER A 163 16.49 1.60 -18.93
CA SER A 163 15.98 2.96 -19.08
C SER A 163 14.50 2.98 -19.46
N GLY A 164 13.74 1.97 -19.08
CA GLY A 164 12.33 1.92 -19.36
C GLY A 164 11.95 1.06 -20.53
N ALA A 165 12.92 0.62 -21.34
CA ALA A 165 12.61 -0.15 -22.53
C ALA A 165 12.29 -1.61 -22.22
N LEU A 166 12.62 -2.08 -21.03
CA LEU A 166 12.32 -3.44 -20.60
C LEU A 166 11.30 -3.35 -19.47
N THR A 167 10.05 -3.76 -19.73
CA THR A 167 9.03 -3.77 -18.67
C THR A 167 8.23 -5.06 -18.63
N SER A 168 8.20 -5.82 -19.70
CA SER A 168 7.45 -7.07 -19.72
C SER A 168 8.10 -8.04 -18.75
N GLY A 169 7.34 -8.56 -17.80
CA GLY A 169 7.93 -9.52 -16.89
C GLY A 169 8.76 -8.93 -15.78
N VAL A 170 8.79 -7.61 -15.63
CA VAL A 170 9.44 -6.97 -14.47
C VAL A 170 8.47 -6.99 -13.30
N HIS A 171 8.96 -7.33 -12.12
CA HIS A 171 8.22 -7.13 -10.88
C HIS A 171 9.08 -6.32 -9.96
N THR A 172 8.62 -5.14 -9.57
CA THR A 172 9.32 -4.39 -8.53
C THR A 172 8.48 -4.44 -7.26
N PHE A 173 9.08 -4.96 -6.17
CA PHE A 173 8.25 -5.34 -5.04
C PHE A 173 8.12 -4.18 -4.05
N PRO A 174 7.05 -4.15 -3.25
CA PRO A 174 6.98 -3.18 -2.16
C PRO A 174 8.19 -3.33 -1.25
N ALA A 175 8.73 -2.20 -0.79
CA ALA A 175 9.83 -2.27 0.16
C ALA A 175 9.37 -2.82 1.50
N VAL A 176 10.31 -3.36 2.27
CA VAL A 176 10.06 -3.71 3.66
C VAL A 176 10.92 -2.82 4.54
N LEU A 177 10.42 -2.54 5.73
CA LEU A 177 11.14 -1.75 6.72
C LEU A 177 11.87 -2.72 7.64
N GLN A 178 13.20 -2.66 7.62
CA GLN A 178 14.02 -3.52 8.47
C GLN A 178 14.12 -2.98 9.90
N SER A 179 14.65 -3.81 10.79
CA SER A 179 14.71 -3.39 12.19
C SER A 179 15.71 -2.27 12.39
N SER A 180 16.61 -2.06 11.43
CA SER A 180 17.52 -0.93 11.42
C SER A 180 16.81 0.41 11.17
N GLY A 181 15.54 0.41 10.80
CA GLY A 181 14.88 1.63 10.37
C GLY A 181 15.14 2.02 8.93
N LEU A 182 15.88 1.22 8.17
CA LEU A 182 16.10 1.43 6.75
C LEU A 182 15.24 0.48 5.92
N TYR A 183 14.96 0.89 4.68
CA TYR A 183 14.11 0.09 3.81
C TYR A 183 14.96 -0.77 2.89
N SER A 184 14.31 -1.79 2.31
CA SER A 184 14.98 -2.67 1.35
C SER A 184 13.94 -3.13 0.34
N LEU A 185 14.34 -3.23 -0.92
CA LEU A 185 13.39 -3.58 -1.95
C LEU A 185 14.12 -4.44 -2.99
N SER A 186 13.38 -5.34 -3.65
CA SER A 186 13.97 -6.06 -4.77
C SER A 186 13.18 -5.78 -6.04
N SER A 187 13.87 -5.85 -7.18
CA SER A 187 13.22 -5.75 -8.48
C SER A 187 13.77 -6.89 -9.31
N VAL A 188 12.91 -7.64 -10.00
CA VAL A 188 13.36 -8.80 -10.76
C VAL A 188 12.76 -8.76 -12.15
N VAL A 189 13.35 -9.53 -13.05
CA VAL A 189 12.76 -9.71 -14.37
C VAL A 189 13.01 -11.16 -14.79
N THR A 190 12.03 -11.76 -15.51
CA THR A 190 12.23 -13.07 -16.11
C THR A 190 12.51 -12.89 -17.59
N VAL A 191 13.46 -13.65 -18.09
CA VAL A 191 13.97 -13.50 -19.47
C VAL A 191 14.28 -14.89 -20.00
N PRO A 192 14.41 -15.02 -21.32
CA PRO A 192 14.82 -16.31 -21.87
C PRO A 192 16.23 -16.69 -21.43
N SER A 193 16.41 -17.96 -21.08
CA SER A 193 17.75 -18.44 -20.76
C SER A 193 18.75 -18.13 -21.86
N SER A 194 18.33 -18.28 -23.12
CA SER A 194 19.23 -18.11 -24.25
C SER A 194 19.66 -16.67 -24.45
N SER A 195 19.00 -15.72 -23.83
CA SER A 195 19.38 -14.33 -24.01
C SER A 195 20.53 -13.90 -23.09
N LEU A 196 20.90 -14.74 -22.11
CA LEU A 196 21.80 -14.30 -21.04
C LEU A 196 23.20 -13.98 -21.56
N GLY A 197 23.73 -14.80 -22.46
CA GLY A 197 25.05 -14.48 -22.98
C GLY A 197 25.08 -13.32 -23.95
N THR A 198 23.93 -12.84 -24.39
CA THR A 198 23.85 -11.92 -25.52
C THR A 198 23.18 -10.58 -25.21
N GLN A 199 22.22 -10.54 -24.31
CA GLN A 199 21.47 -9.32 -24.02
C GLN A 199 21.97 -8.65 -22.74
N THR A 200 21.98 -7.31 -22.74
CA THR A 200 22.38 -6.54 -21.57
C THR A 200 21.17 -6.14 -20.73
N TYR A 201 21.29 -6.32 -19.42
CA TYR A 201 20.23 -6.04 -18.45
C TYR A 201 20.81 -5.07 -17.42
N ILE A 202 20.21 -3.88 -17.34
CA ILE A 202 20.69 -2.83 -16.44
C ILE A 202 19.50 -2.32 -15.63
N CYS A 203 19.63 -2.32 -14.32
CA CYS A 203 18.56 -1.79 -13.48
C CYS A 203 18.92 -0.37 -13.12
N ASN A 204 17.97 0.55 -13.29
CA ASN A 204 18.19 1.97 -13.07
C ASN A 204 17.47 2.32 -11.78
N VAL A 205 18.21 2.71 -10.75
CA VAL A 205 17.65 2.99 -9.42
C VAL A 205 17.77 4.47 -9.14
N ASN A 206 16.69 5.10 -8.69
CA ASN A 206 16.76 6.50 -8.36
C ASN A 206 16.20 6.70 -6.96
N HIS A 207 16.98 7.33 -6.08
CA HIS A 207 16.53 7.65 -4.74
C HIS A 207 16.63 9.17 -4.59
N LYS A 208 15.56 9.86 -4.95
CA LYS A 208 15.61 11.32 -4.99
C LYS A 208 15.92 11.97 -3.65
N PRO A 209 15.44 11.47 -2.51
CA PRO A 209 15.76 12.14 -1.23
C PRO A 209 17.24 12.29 -0.94
N SER A 210 18.09 11.39 -1.45
CA SER A 210 19.52 11.48 -1.25
C SER A 210 20.28 11.87 -2.51
N ASN A 211 19.58 12.16 -3.62
CA ASN A 211 20.21 12.49 -4.90
C ASN A 211 21.10 11.34 -5.39
N THR A 212 20.66 10.10 -5.16
CA THR A 212 21.44 8.92 -5.52
C THR A 212 20.78 8.25 -6.72
N LYS A 213 21.52 8.16 -7.82
CA LYS A 213 21.09 7.43 -9.01
C LYS A 213 22.16 6.41 -9.31
N VAL A 214 21.74 5.18 -9.59
CA VAL A 214 22.64 4.07 -9.88
C VAL A 214 22.11 3.35 -11.12
N ASP A 215 23.02 3.02 -12.03
CA ASP A 215 22.74 2.10 -13.15
C ASP A 215 23.61 0.87 -12.92
N LYS A 216 22.99 -0.29 -12.75
CA LYS A 216 23.74 -1.50 -12.42
C LYS A 216 23.51 -2.57 -13.46
N LYS A 217 24.57 -2.96 -14.18
CA LYS A 217 24.48 -4.11 -15.09
C LYS A 217 24.48 -5.42 -14.30
N VAL A 218 23.56 -6.34 -14.64
CA VAL A 218 23.42 -7.62 -13.96
C VAL A 218 23.75 -8.71 -14.97
N GLU A 219 24.73 -9.54 -14.65
CA GLU A 219 25.21 -10.57 -15.56
C GLU A 219 25.43 -11.86 -14.80
N PRO A 220 25.45 -13.00 -15.49
CA PRO A 220 25.78 -14.26 -14.80
C PRO A 220 27.16 -14.19 -14.16
N LYS A 221 27.26 -14.71 -12.93
CA LYS A 221 28.51 -14.66 -12.17
C LYS A 221 29.56 -15.66 -12.66
N GLU B 1 -16.87 3.59 20.58
CA GLU B 1 -16.87 3.96 19.18
C GLU B 1 -17.66 2.94 18.39
N ILE B 2 -18.19 3.34 17.24
CA ILE B 2 -18.94 2.40 16.40
C ILE B 2 -17.92 1.63 15.59
N VAL B 3 -17.82 0.33 15.85
CA VAL B 3 -16.93 -0.53 15.08
C VAL B 3 -17.71 -1.08 13.89
N LEU B 4 -17.16 -0.91 12.69
CA LEU B 4 -17.73 -1.51 11.48
C LEU B 4 -16.91 -2.73 11.10
N THR B 5 -17.57 -3.88 10.95
CA THR B 5 -16.94 -5.12 10.53
C THR B 5 -17.44 -5.48 9.13
N GLN B 6 -16.54 -5.47 8.16
CA GLN B 6 -16.86 -5.84 6.79
C GLN B 6 -16.66 -7.33 6.56
N SER B 7 -17.45 -7.90 5.66
CA SER B 7 -17.24 -9.28 5.24
C SER B 7 -17.66 -9.44 3.78
N PRO B 8 -17.01 -10.36 3.03
CA PRO B 8 -15.87 -11.16 3.46
C PRO B 8 -14.60 -10.31 3.44
N GLY B 9 -13.47 -10.84 3.91
CA GLY B 9 -12.22 -10.07 3.80
C GLY B 9 -11.77 -9.96 2.36
N THR B 10 -11.87 -11.05 1.61
CA THR B 10 -11.54 -11.10 0.20
C THR B 10 -12.68 -11.77 -0.55
N LEU B 11 -13.04 -11.19 -1.69
CA LEU B 11 -14.04 -11.74 -2.58
C LEU B 11 -13.37 -11.94 -3.93
N SER B 12 -13.46 -13.16 -4.47
CA SER B 12 -12.82 -13.52 -5.74
C SER B 12 -13.89 -13.85 -6.75
N LEU B 13 -14.02 -12.99 -7.77
CA LEU B 13 -15.09 -13.13 -8.77
C LEU B 13 -14.51 -12.82 -10.14
N SER B 14 -15.34 -12.89 -11.16
CA SER B 14 -14.87 -12.56 -12.50
C SER B 14 -15.78 -11.51 -13.11
N PRO B 15 -15.29 -10.78 -14.11
CA PRO B 15 -16.15 -9.76 -14.75
C PRO B 15 -17.46 -10.38 -15.20
N GLY B 16 -18.53 -9.60 -15.06
CA GLY B 16 -19.83 -10.06 -15.44
C GLY B 16 -20.64 -10.59 -14.29
N GLU B 17 -20.01 -10.95 -13.20
CA GLU B 17 -20.72 -11.53 -12.07
C GLU B 17 -21.23 -10.43 -11.15
N ARG B 18 -21.97 -10.84 -10.14
CA ARG B 18 -22.57 -9.95 -9.15
C ARG B 18 -21.81 -10.07 -7.84
N ALA B 19 -21.43 -8.94 -7.26
CA ALA B 19 -20.72 -8.92 -5.99
C ALA B 19 -21.62 -8.34 -4.92
N THR B 20 -21.61 -8.97 -3.73
CA THR B 20 -22.36 -8.49 -2.58
C THR B 20 -21.36 -8.34 -1.43
N LEU B 21 -21.21 -7.12 -0.94
CA LEU B 21 -20.31 -6.79 0.16
C LEU B 21 -21.12 -6.34 1.37
N SER B 22 -20.75 -6.80 2.56
CA SER B 22 -21.53 -6.52 3.76
C SER B 22 -20.73 -5.71 4.76
N CYS B 23 -21.46 -4.95 5.59
CA CYS B 23 -20.89 -4.09 6.62
C CYS B 23 -21.82 -4.19 7.82
N ARG B 24 -21.29 -4.54 9.00
CA ARG B 24 -22.09 -4.62 10.21
C ARG B 24 -21.51 -3.68 11.26
N ALA B 25 -22.39 -2.88 11.88
CA ALA B 25 -22.00 -1.89 12.88
C ALA B 25 -22.28 -2.43 14.28
N SER B 26 -21.42 -2.06 15.24
CA SER B 26 -21.62 -2.51 16.62
C SER B 26 -22.80 -1.82 17.28
N GLN B 27 -23.19 -0.64 16.80
CA GLN B 27 -24.31 0.15 17.30
C GLN B 27 -25.08 0.61 16.08
N SER B 28 -26.37 0.88 16.25
CA SER B 28 -27.17 1.30 15.11
C SER B 28 -26.65 2.64 14.57
N VAL B 29 -26.53 2.75 13.27
CA VAL B 29 -26.01 3.95 12.63
C VAL B 29 -27.12 5.01 12.60
N SER B 30 -26.81 6.24 13.01
CA SER B 30 -27.80 7.31 13.08
C SER B 30 -28.07 7.91 11.69
N SER B 31 -29.34 8.20 11.40
CA SER B 31 -29.72 8.92 10.18
C SER B 31 -29.26 8.21 8.89
N SER B 32 -29.11 6.89 8.93
CA SER B 32 -28.57 6.16 7.79
C SER B 32 -27.29 6.77 7.26
N TYR B 33 -26.48 7.35 8.13
CA TYR B 33 -25.23 7.99 7.70
C TYR B 33 -24.18 6.91 7.46
N LEU B 34 -24.32 6.20 6.34
CA LEU B 34 -23.42 5.12 6.00
C LEU B 34 -22.96 5.32 4.56
N ALA B 35 -21.64 5.32 4.33
CA ALA B 35 -21.10 5.58 3.00
C ALA B 35 -20.18 4.44 2.62
N TRP B 36 -20.00 4.27 1.29
CA TRP B 36 -19.07 3.29 0.76
C TRP B 36 -18.07 3.99 -0.13
N TYR B 37 -16.82 3.54 -0.06
CA TYR B 37 -15.70 4.13 -0.79
C TYR B 37 -14.93 3.02 -1.46
N GLN B 38 -14.34 3.36 -2.61
CA GLN B 38 -13.52 2.45 -3.39
C GLN B 38 -12.08 2.95 -3.32
N GLN B 39 -11.11 2.02 -3.24
CA GLN B 39 -9.71 2.45 -3.27
C GLN B 39 -8.91 1.48 -4.13
N LYS B 40 -8.28 2.01 -5.15
CA LYS B 40 -7.31 1.27 -5.94
C LYS B 40 -5.88 1.55 -5.50
N PRO B 41 -4.96 0.61 -5.75
CA PRO B 41 -3.58 0.76 -5.28
C PRO B 41 -2.93 2.05 -5.77
N GLY B 42 -2.30 2.78 -4.85
CA GLY B 42 -1.68 4.04 -5.18
C GLY B 42 -2.61 5.22 -5.34
N GLN B 43 -3.91 5.01 -5.18
CA GLN B 43 -4.90 6.05 -5.37
C GLN B 43 -5.58 6.38 -4.04
N ALA B 44 -6.07 7.60 -3.95
CA ALA B 44 -6.95 7.97 -2.86
C ALA B 44 -8.29 7.24 -2.96
N PRO B 45 -9.02 7.13 -1.85
CA PRO B 45 -10.38 6.62 -1.91
C PRO B 45 -11.28 7.52 -2.76
N ARG B 46 -12.38 6.94 -3.22
CA ARG B 46 -13.37 7.65 -4.05
C ARG B 46 -14.74 7.31 -3.49
N LEU B 47 -15.58 8.31 -3.28
CA LEU B 47 -16.93 8.05 -2.78
C LEU B 47 -17.77 7.29 -3.82
N LEU B 48 -18.46 6.23 -3.39
CA LEU B 48 -19.43 5.54 -4.25
C LEU B 48 -20.87 5.81 -3.85
N ILE B 49 -21.18 5.67 -2.57
CA ILE B 49 -22.54 5.65 -2.05
C ILE B 49 -22.54 6.42 -0.75
N TYR B 50 -23.59 7.21 -0.51
CA TYR B 50 -23.77 7.85 0.78
C TYR B 50 -25.22 7.74 1.18
N GLY B 51 -25.52 8.03 2.45
CA GLY B 51 -26.90 7.90 2.90
C GLY B 51 -27.42 6.49 2.76
N ALA B 52 -26.51 5.50 2.81
CA ALA B 52 -26.78 4.07 2.66
C ALA B 52 -27.14 3.68 1.23
N SER B 53 -27.88 4.55 0.49
CA SER B 53 -28.33 4.15 -0.83
C SER B 53 -28.17 5.18 -1.94
N SER B 54 -27.61 6.36 -1.68
CA SER B 54 -27.54 7.41 -2.70
C SER B 54 -26.23 7.29 -3.45
N ARG B 55 -26.30 7.15 -4.79
CA ARG B 55 -25.11 7.08 -5.62
C ARG B 55 -24.47 8.46 -5.78
N ALA B 56 -23.13 8.52 -5.66
CA ALA B 56 -22.42 9.77 -5.89
C ALA B 56 -22.39 10.13 -7.37
N THR B 57 -22.14 11.43 -7.65
CA THR B 57 -22.08 11.88 -9.03
C THR B 57 -21.01 11.12 -9.79
N GLY B 58 -21.37 10.66 -10.98
CA GLY B 58 -20.46 9.98 -11.87
C GLY B 58 -20.33 8.49 -11.63
N ILE B 59 -20.98 7.96 -10.60
CA ILE B 59 -20.84 6.54 -10.26
C ILE B 59 -21.88 5.76 -11.08
N PRO B 60 -21.52 4.67 -11.77
CA PRO B 60 -22.49 4.02 -12.66
C PRO B 60 -23.52 3.22 -11.88
N ASP B 61 -24.65 2.97 -12.54
CA ASP B 61 -25.79 2.41 -11.82
C ASP B 61 -25.62 0.93 -11.48
N ARG B 62 -24.54 0.28 -11.90
CA ARG B 62 -24.32 -1.07 -11.40
C ARG B 62 -23.99 -1.10 -9.91
N PHE B 63 -23.63 0.04 -9.30
CA PHE B 63 -23.43 0.12 -7.87
C PHE B 63 -24.72 0.46 -7.15
N SER B 64 -25.09 -0.31 -6.13
CA SER B 64 -26.24 0.11 -5.33
C SER B 64 -26.03 -0.28 -3.88
N GLY B 65 -26.56 0.54 -2.99
CA GLY B 65 -26.39 0.35 -1.55
C GLY B 65 -27.75 0.10 -0.92
N SER B 66 -27.78 -0.77 0.10
CA SER B 66 -29.02 -0.95 0.85
C SER B 66 -28.70 -1.20 2.32
N GLY B 67 -29.76 -1.31 3.11
CA GLY B 67 -29.63 -1.66 4.51
C GLY B 67 -30.02 -0.51 5.42
N SER B 68 -30.11 -0.83 6.71
CA SER B 68 -30.47 0.14 7.73
C SER B 68 -30.00 -0.38 9.09
N GLY B 69 -29.91 0.54 10.05
CA GLY B 69 -29.66 0.12 11.43
C GLY B 69 -28.24 -0.35 11.62
N THR B 70 -28.04 -1.66 11.71
CA THR B 70 -26.70 -2.18 11.88
C THR B 70 -26.18 -2.97 10.68
N ASP B 71 -26.99 -3.20 9.66
CA ASP B 71 -26.61 -4.15 8.61
C ASP B 71 -26.74 -3.47 7.26
N PHE B 72 -25.62 -3.36 6.52
CA PHE B 72 -25.63 -2.65 5.24
C PHE B 72 -24.96 -3.48 4.17
N THR B 73 -25.39 -3.29 2.92
CA THR B 73 -24.88 -4.03 1.78
C THR B 73 -24.55 -3.12 0.61
N LEU B 74 -23.41 -3.38 -0.05
CA LEU B 74 -23.07 -2.78 -1.34
C LEU B 74 -23.14 -3.90 -2.39
N THR B 75 -23.95 -3.70 -3.43
CA THR B 75 -24.10 -4.69 -4.50
C THR B 75 -23.52 -4.10 -5.76
N ILE B 76 -22.68 -4.84 -6.46
CA ILE B 76 -22.24 -4.47 -7.79
C ILE B 76 -22.82 -5.49 -8.74
N SER B 77 -23.74 -5.06 -9.62
CA SER B 77 -24.62 -6.04 -10.26
C SER B 77 -23.97 -6.81 -11.39
N ARG B 78 -23.08 -6.16 -12.16
CA ARG B 78 -22.40 -6.84 -13.27
C ARG B 78 -20.98 -6.24 -13.34
N LEU B 79 -20.05 -6.92 -12.69
CA LEU B 79 -18.68 -6.44 -12.51
C LEU B 79 -17.99 -6.09 -13.83
N GLU B 80 -17.26 -4.98 -13.81
CA GLU B 80 -16.37 -4.60 -14.88
C GLU B 80 -14.93 -4.69 -14.39
N PRO B 81 -13.95 -4.85 -15.29
CA PRO B 81 -12.54 -4.93 -14.83
C PRO B 81 -12.12 -3.78 -13.91
N GLU B 82 -12.62 -2.55 -14.14
CA GLU B 82 -12.21 -1.45 -13.28
C GLU B 82 -12.77 -1.54 -11.86
N ASP B 83 -13.68 -2.47 -11.56
CA ASP B 83 -14.30 -2.56 -10.25
C ASP B 83 -13.50 -3.39 -9.25
N PHE B 84 -12.42 -4.04 -9.68
CA PHE B 84 -11.66 -4.88 -8.78
C PHE B 84 -10.71 -3.99 -8.00
N ALA B 85 -10.92 -3.91 -6.70
CA ALA B 85 -10.37 -2.86 -5.85
C ALA B 85 -10.72 -3.19 -4.41
N VAL B 86 -10.27 -2.33 -3.46
CA VAL B 86 -10.68 -2.45 -2.07
C VAL B 86 -11.86 -1.53 -1.82
N TYR B 87 -12.84 -2.00 -1.05
CA TYR B 87 -14.05 -1.24 -0.69
C TYR B 87 -14.11 -1.07 0.82
N PHE B 88 -14.32 0.18 1.27
CA PHE B 88 -14.49 0.53 2.69
C PHE B 88 -15.89 1.08 2.95
N CYS B 89 -16.52 0.62 4.04
CA CYS B 89 -17.71 1.33 4.52
C CYS B 89 -17.29 2.30 5.62
N GLN B 90 -18.16 3.30 5.86
CA GLN B 90 -17.87 4.34 6.82
C GLN B 90 -19.19 4.79 7.42
N GLN B 91 -19.22 5.02 8.74
CA GLN B 91 -20.37 5.70 9.34
C GLN B 91 -19.95 7.12 9.74
N TYR B 92 -20.85 8.08 9.53
CA TYR B 92 -20.54 9.47 9.84
C TYR B 92 -21.65 10.05 10.71
N GLY B 93 -22.26 9.22 11.57
CA GLY B 93 -23.32 9.66 12.46
C GLY B 93 -22.88 9.90 13.90
N SER B 94 -21.87 9.16 14.34
CA SER B 94 -21.28 9.32 15.69
C SER B 94 -19.77 9.23 15.56
N SER B 95 -19.08 10.37 15.58
CA SER B 95 -17.70 10.44 15.09
C SER B 95 -17.66 9.90 13.66
N TYR B 96 -16.48 9.46 13.21
CA TYR B 96 -16.26 9.06 11.83
C TYR B 96 -15.41 7.81 11.90
N THR B 97 -15.98 6.66 11.60
CA THR B 97 -15.24 5.40 11.70
C THR B 97 -15.40 4.60 10.42
N PHE B 98 -14.39 3.80 10.09
CA PHE B 98 -14.33 3.02 8.86
C PHE B 98 -14.28 1.52 9.15
N GLY B 99 -14.81 0.73 8.23
CA GLY B 99 -14.55 -0.69 8.23
C GLY B 99 -13.11 -0.96 7.83
N GLN B 100 -12.69 -2.22 7.99
CA GLN B 100 -11.33 -2.62 7.67
C GLN B 100 -11.13 -2.96 6.20
N GLY B 101 -12.20 -2.92 5.39
CA GLY B 101 -12.08 -3.12 3.95
C GLY B 101 -12.30 -4.56 3.52
N THR B 102 -12.86 -4.70 2.32
CA THR B 102 -12.97 -5.96 1.59
C THR B 102 -12.24 -5.81 0.28
N LYS B 103 -11.34 -6.74 -0.02
CA LYS B 103 -10.67 -6.77 -1.31
C LYS B 103 -11.47 -7.62 -2.29
N LEU B 104 -11.80 -7.02 -3.44
CA LEU B 104 -12.48 -7.70 -4.53
C LEU B 104 -11.44 -7.95 -5.60
N GLU B 105 -11.07 -9.22 -5.79
CA GLU B 105 -9.98 -9.63 -6.69
C GLU B 105 -10.53 -10.51 -7.78
N ILE B 106 -9.74 -10.66 -8.83
CA ILE B 106 -10.14 -11.45 -9.99
C ILE B 106 -9.87 -12.92 -9.68
N LYS B 107 -10.88 -13.76 -9.84
CA LYS B 107 -10.68 -15.20 -9.73
C LYS B 107 -10.20 -15.73 -11.08
N ARG B 108 -9.12 -16.50 -11.08
CA ARG B 108 -8.63 -17.12 -12.31
C ARG B 108 -8.20 -18.55 -11.97
N THR B 109 -7.74 -19.28 -12.99
CA THR B 109 -7.34 -20.66 -12.75
C THR B 109 -6.09 -20.70 -11.88
N VAL B 110 -5.93 -21.82 -11.16
CA VAL B 110 -4.75 -22.03 -10.34
C VAL B 110 -3.49 -22.00 -11.20
N ALA B 111 -2.46 -21.29 -10.73
CA ALA B 111 -1.19 -21.20 -11.44
C ALA B 111 -0.06 -21.41 -10.43
N ALA B 112 0.78 -22.39 -10.68
CA ALA B 112 1.83 -22.58 -9.66
C ALA B 112 2.97 -21.59 -9.89
N PRO B 113 3.68 -21.21 -8.82
CA PRO B 113 4.79 -20.27 -8.98
C PRO B 113 5.98 -20.93 -9.63
N SER B 114 6.68 -20.16 -10.46
CA SER B 114 8.07 -20.47 -10.78
C SER B 114 8.94 -19.92 -9.66
N VAL B 115 9.90 -20.72 -9.18
CA VAL B 115 10.65 -20.41 -7.97
C VAL B 115 12.11 -20.22 -8.34
N PHE B 116 12.74 -19.18 -7.80
CA PHE B 116 14.15 -18.92 -8.04
C PHE B 116 14.82 -18.52 -6.73
N ILE B 117 16.06 -18.96 -6.52
CA ILE B 117 16.80 -18.55 -5.33
C ILE B 117 18.08 -17.84 -5.78
N PHE B 118 18.49 -16.81 -5.03
CA PHE B 118 19.66 -15.99 -5.33
C PHE B 118 20.59 -15.91 -4.12
N PRO B 119 21.86 -16.26 -4.26
CA PRO B 119 22.80 -16.11 -3.15
C PRO B 119 23.13 -14.65 -2.95
N PRO B 120 23.70 -14.28 -1.80
CA PRO B 120 24.23 -12.92 -1.65
C PRO B 120 25.38 -12.69 -2.62
N SER B 121 25.50 -11.46 -3.10
CA SER B 121 26.61 -11.09 -3.96
C SER B 121 27.90 -10.93 -3.15
N ASP B 122 29.04 -11.08 -3.84
CA ASP B 122 30.32 -10.86 -3.17
C ASP B 122 30.45 -9.41 -2.73
N GLU B 123 29.93 -8.47 -3.52
CA GLU B 123 29.93 -7.06 -3.13
C GLU B 123 29.27 -6.86 -1.77
N GLN B 124 28.11 -7.48 -1.55
CA GLN B 124 27.42 -7.28 -0.28
C GLN B 124 28.20 -7.92 0.87
N LEU B 125 28.75 -9.11 0.66
CA LEU B 125 29.44 -9.81 1.74
C LEU B 125 30.60 -8.99 2.31
N LYS B 126 31.25 -8.17 1.48
CA LYS B 126 32.31 -7.33 2.01
C LYS B 126 31.83 -6.40 3.13
N SER B 127 30.52 -6.18 3.25
CA SER B 127 29.97 -5.26 4.24
C SER B 127 29.51 -5.92 5.54
N GLY B 128 29.57 -7.25 5.64
CA GLY B 128 29.28 -7.93 6.89
C GLY B 128 27.92 -8.58 6.99
N THR B 129 27.05 -8.37 6.00
CA THR B 129 25.70 -8.91 5.98
C THR B 129 25.50 -9.72 4.71
N ALA B 130 24.63 -10.72 4.81
CA ALA B 130 24.29 -11.57 3.67
C ALA B 130 22.78 -11.56 3.54
N SER B 131 22.27 -11.19 2.37
CA SER B 131 20.85 -11.36 2.05
C SER B 131 20.68 -12.48 1.02
N VAL B 132 19.84 -13.47 1.33
CA VAL B 132 19.48 -14.53 0.39
C VAL B 132 18.06 -14.25 -0.04
N VAL B 133 17.79 -14.27 -1.34
CA VAL B 133 16.49 -13.87 -1.86
C VAL B 133 15.84 -15.03 -2.59
N CYS B 134 14.52 -15.23 -2.34
CA CYS B 134 13.74 -16.24 -3.05
C CYS B 134 12.60 -15.50 -3.76
N LEU B 135 12.37 -15.83 -5.04
CA LEU B 135 11.31 -15.25 -5.86
C LEU B 135 10.30 -16.34 -6.19
N LEU B 136 9.01 -16.04 -5.97
CA LEU B 136 7.90 -16.86 -6.43
C LEU B 136 7.19 -16.02 -7.50
N ASN B 137 7.24 -16.46 -8.75
CA ASN B 137 6.78 -15.64 -9.87
C ASN B 137 5.43 -16.13 -10.40
N ASN B 138 4.46 -15.21 -10.54
CA ASN B 138 3.25 -15.38 -11.35
C ASN B 138 2.40 -16.58 -10.88
N PHE B 139 1.86 -16.49 -9.68
CA PHE B 139 1.09 -17.59 -9.13
C PHE B 139 -0.31 -17.15 -8.72
N TYR B 140 -1.20 -18.13 -8.57
CA TYR B 140 -2.55 -17.83 -8.12
C TYR B 140 -3.12 -19.11 -7.54
N PRO B 141 -3.83 -19.07 -6.42
CA PRO B 141 -4.21 -17.91 -5.58
C PRO B 141 -3.05 -17.37 -4.75
N ARG B 142 -3.34 -16.31 -3.99
CA ARG B 142 -2.32 -15.52 -3.31
C ARG B 142 -1.66 -16.28 -2.17
N GLU B 143 -2.40 -17.21 -1.57
CA GLU B 143 -1.91 -17.94 -0.42
C GLU B 143 -0.71 -18.80 -0.81
N ALA B 144 0.44 -18.54 -0.22
CA ALA B 144 1.64 -19.33 -0.50
C ALA B 144 2.47 -19.39 0.77
N LYS B 145 3.25 -20.45 0.92
CA LYS B 145 4.12 -20.59 2.08
C LYS B 145 5.58 -20.73 1.62
N VAL B 146 6.46 -19.87 2.15
CA VAL B 146 7.90 -19.95 1.90
C VAL B 146 8.57 -20.41 3.19
N GLN B 147 9.35 -21.49 3.12
CA GLN B 147 10.11 -21.96 4.27
C GLN B 147 11.59 -21.96 3.92
N TRP B 148 12.38 -21.10 4.59
CA TRP B 148 13.81 -21.06 4.39
C TRP B 148 14.46 -22.17 5.20
N LYS B 149 15.49 -22.80 4.62
CA LYS B 149 16.28 -23.83 5.30
C LYS B 149 17.76 -23.57 5.07
N VAL B 150 18.56 -23.71 6.13
CA VAL B 150 20.00 -23.49 6.07
C VAL B 150 20.60 -24.74 6.67
N ASP B 151 21.34 -25.53 5.85
CA ASP B 151 21.80 -26.88 6.26
C ASP B 151 20.66 -27.68 6.90
N ASN B 152 19.51 -27.60 6.26
CA ASN B 152 18.29 -28.29 6.63
C ASN B 152 17.71 -27.82 7.97
N ALA B 153 18.15 -26.67 8.50
CA ALA B 153 17.53 -26.11 9.69
C ALA B 153 16.45 -25.14 9.24
N LEU B 154 15.24 -25.37 9.69
CA LEU B 154 14.11 -24.50 9.31
C LEU B 154 14.27 -23.14 9.98
N GLN B 155 14.28 -22.07 9.18
CA GLN B 155 14.47 -20.73 9.69
C GLN B 155 13.12 -20.11 10.04
N SER B 156 13.05 -19.42 11.18
CA SER B 156 11.81 -18.75 11.54
C SER B 156 12.11 -17.40 12.16
N GLY B 157 11.50 -16.34 11.64
CA GLY B 157 11.64 -15.03 12.23
C GLY B 157 12.78 -14.17 11.72
N ASN B 158 13.63 -14.68 10.82
CA ASN B 158 14.75 -13.91 10.28
C ASN B 158 14.57 -13.60 8.80
N SER B 159 13.33 -13.49 8.35
CA SER B 159 13.10 -13.18 6.95
C SER B 159 11.95 -12.18 6.86
N GLN B 160 11.86 -11.48 5.72
CA GLN B 160 10.75 -10.58 5.45
C GLN B 160 10.31 -10.80 4.03
N GLU B 161 9.04 -10.53 3.73
CA GLU B 161 8.58 -10.81 2.38
C GLU B 161 7.60 -9.73 1.95
N SER B 162 7.40 -9.60 0.64
CA SER B 162 6.31 -8.76 0.18
C SER B 162 5.79 -9.29 -1.13
N VAL B 163 4.60 -8.83 -1.49
CA VAL B 163 3.82 -9.40 -2.57
C VAL B 163 3.37 -8.25 -3.46
N THR B 164 3.40 -8.47 -4.77
CA THR B 164 2.87 -7.47 -5.67
C THR B 164 1.34 -7.45 -5.63
N GLU B 165 0.79 -6.37 -6.16
CA GLU B 165 -0.64 -6.30 -6.46
C GLU B 165 -0.97 -7.28 -7.58
N GLN B 166 -2.20 -7.78 -7.57
CA GLN B 166 -2.63 -8.68 -8.62
C GLN B 166 -2.38 -8.07 -10.00
N ASP B 167 -1.80 -8.86 -10.90
CA ASP B 167 -1.41 -8.34 -12.20
C ASP B 167 -2.65 -8.00 -13.03
N SER B 168 -2.66 -6.81 -13.64
CA SER B 168 -3.84 -6.38 -14.39
C SER B 168 -4.07 -7.20 -15.65
N LYS B 169 -3.04 -7.85 -16.17
CA LYS B 169 -3.17 -8.61 -17.41
C LYS B 169 -3.43 -10.10 -17.15
N ASP B 170 -2.61 -10.78 -16.32
CA ASP B 170 -2.78 -12.21 -16.12
C ASP B 170 -3.34 -12.58 -14.75
N SER B 171 -3.59 -11.61 -13.88
CA SER B 171 -4.32 -11.84 -12.63
C SER B 171 -3.55 -12.69 -11.65
N THR B 172 -2.22 -12.74 -11.78
CA THR B 172 -1.38 -13.45 -10.84
C THR B 172 -0.74 -12.50 -9.83
N TYR B 173 -0.08 -13.13 -8.86
CA TYR B 173 0.67 -12.50 -7.80
C TYR B 173 2.12 -12.96 -7.90
N SER B 174 3.04 -12.12 -7.44
CA SER B 174 4.42 -12.59 -7.27
C SER B 174 4.90 -12.21 -5.87
N LEU B 175 5.88 -12.95 -5.36
CA LEU B 175 6.33 -12.76 -3.97
C LEU B 175 7.85 -12.80 -3.92
N SER B 176 8.42 -11.95 -3.04
CA SER B 176 9.85 -11.90 -2.82
C SER B 176 10.09 -12.07 -1.33
N SER B 177 11.03 -12.95 -0.97
CA SER B 177 11.35 -13.16 0.44
C SER B 177 12.86 -13.02 0.62
N THR B 178 13.28 -12.30 1.66
CA THR B 178 14.70 -12.08 1.92
C THR B 178 15.05 -12.70 3.28
N LEU B 179 16.02 -13.61 3.28
CA LEU B 179 16.57 -14.17 4.51
C LEU B 179 17.83 -13.40 4.81
N THR B 180 17.94 -12.88 6.03
CA THR B 180 19.10 -12.08 6.41
C THR B 180 19.90 -12.81 7.48
N LEU B 181 21.19 -13.00 7.21
CA LEU B 181 22.17 -13.57 8.14
C LEU B 181 23.39 -12.65 8.22
N SER B 182 24.18 -12.79 9.28
CA SER B 182 25.48 -12.14 9.27
C SER B 182 26.40 -12.84 8.28
N LYS B 183 27.39 -12.10 7.77
CA LYS B 183 28.41 -12.73 6.93
C LYS B 183 29.04 -13.92 7.63
N ALA B 184 29.34 -13.79 8.94
CA ALA B 184 30.03 -14.87 9.63
C ALA B 184 29.18 -16.14 9.69
N ASP B 185 27.87 -15.99 9.96
CA ASP B 185 26.95 -17.13 9.94
C ASP B 185 26.79 -17.70 8.54
N TYR B 186 26.64 -16.81 7.55
CA TYR B 186 26.53 -17.26 6.17
C TYR B 186 27.71 -18.15 5.80
N GLU B 187 28.93 -17.73 6.14
CA GLU B 187 30.07 -18.53 5.73
C GLU B 187 30.25 -19.79 6.57
N LYS B 188 29.46 -20.00 7.62
CA LYS B 188 29.52 -21.24 8.39
C LYS B 188 28.66 -22.37 7.83
N HIS B 189 27.76 -22.10 6.87
CA HIS B 189 26.85 -23.11 6.36
C HIS B 189 26.98 -23.29 4.86
N LYS B 190 26.52 -24.45 4.39
CA LYS B 190 26.69 -24.84 2.98
C LYS B 190 25.41 -24.72 2.16
N VAL B 191 24.33 -25.36 2.57
CA VAL B 191 23.15 -25.53 1.71
C VAL B 191 22.08 -24.54 2.12
N TYR B 192 21.70 -23.67 1.19
CA TYR B 192 20.68 -22.66 1.38
C TYR B 192 19.49 -23.01 0.49
N ALA B 193 18.30 -23.12 1.07
CA ALA B 193 17.16 -23.57 0.26
C ALA B 193 15.90 -22.79 0.60
N CYS B 194 15.04 -22.56 -0.39
CA CYS B 194 13.68 -22.15 -0.08
C CYS B 194 12.73 -23.20 -0.61
N GLU B 195 11.84 -23.66 0.27
CA GLU B 195 10.82 -24.65 -0.02
C GLU B 195 9.48 -23.94 -0.09
N VAL B 196 8.75 -24.17 -1.17
CA VAL B 196 7.54 -23.41 -1.48
C VAL B 196 6.36 -24.37 -1.48
N THR B 197 5.32 -24.03 -0.74
CA THR B 197 4.07 -24.78 -0.70
C THR B 197 2.99 -23.91 -1.33
N HIS B 198 2.20 -24.47 -2.25
CA HIS B 198 1.18 -23.69 -2.93
C HIS B 198 0.18 -24.67 -3.52
N GLN B 199 -1.08 -24.22 -3.62
CA GLN B 199 -2.12 -25.10 -4.16
C GLN B 199 -1.76 -25.65 -5.52
N GLY B 200 -1.03 -24.88 -6.33
CA GLY B 200 -0.71 -25.34 -7.67
C GLY B 200 0.36 -26.41 -7.73
N LEU B 201 0.99 -26.74 -6.60
CA LEU B 201 2.08 -27.73 -6.56
C LEU B 201 1.60 -28.97 -5.83
N SER B 202 1.70 -30.13 -6.50
CA SER B 202 1.23 -31.36 -5.86
C SER B 202 2.05 -31.70 -4.62
N SER B 203 3.30 -31.28 -4.59
CA SER B 203 4.12 -31.38 -3.39
C SER B 203 5.04 -30.16 -3.36
N PRO B 204 5.59 -29.81 -2.19
CA PRO B 204 6.41 -28.60 -2.11
C PRO B 204 7.64 -28.67 -3.01
N VAL B 205 8.02 -27.52 -3.55
CA VAL B 205 9.15 -27.43 -4.46
C VAL B 205 10.27 -26.71 -3.72
N THR B 206 11.49 -27.24 -3.80
CA THR B 206 12.66 -26.64 -3.17
C THR B 206 13.68 -26.20 -4.23
N LYS B 207 14.16 -24.97 -4.09
CA LYS B 207 15.30 -24.50 -4.88
C LYS B 207 16.44 -24.24 -3.91
N SER B 208 17.66 -24.62 -4.29
CA SER B 208 18.73 -24.46 -3.34
C SER B 208 20.01 -24.12 -4.09
N PHE B 209 20.99 -23.60 -3.36
CA PHE B 209 22.36 -23.53 -3.86
C PHE B 209 23.30 -23.93 -2.74
N ASN B 210 24.53 -24.31 -3.11
CA ASN B 210 25.59 -24.58 -2.14
C ASN B 210 26.56 -23.40 -2.16
N ARG B 211 26.82 -22.84 -0.97
CA ARG B 211 27.68 -21.68 -0.87
C ARG B 211 29.03 -21.91 -1.54
N GLY B 212 29.40 -21.00 -2.46
CA GLY B 212 30.70 -21.03 -3.10
C GLY B 212 30.82 -22.15 -4.10
N GLU B 213 29.84 -22.27 -4.99
CA GLU B 213 29.80 -23.39 -5.92
C GLU B 213 28.90 -23.12 -7.11
N VAL C 5 -20.59 20.59 21.82
CA VAL C 5 -21.48 20.62 20.66
C VAL C 5 -21.15 19.41 19.77
N ASP C 6 -21.83 19.28 18.63
CA ASP C 6 -21.97 18.01 17.93
C ASP C 6 -21.00 17.92 16.76
N GLU C 7 -20.04 16.99 16.84
CA GLU C 7 -19.06 16.81 15.77
C GLU C 7 -19.68 16.26 14.50
N ASN C 8 -20.91 15.78 14.53
CA ASN C 8 -21.52 15.27 13.31
C ASN C 8 -22.58 16.21 12.73
N ALA C 9 -22.78 17.39 13.33
CA ALA C 9 -23.72 18.35 12.76
C ALA C 9 -23.17 18.92 11.46
N ASN C 10 -24.06 19.53 10.68
CA ASN C 10 -23.71 20.05 9.36
C ASN C 10 -22.52 21.02 9.44
N ALA C 11 -21.43 20.68 8.72
CA ALA C 11 -20.21 21.49 8.68
C ALA C 11 -20.15 22.44 7.49
N ASN C 12 -21.13 22.39 6.59
CA ASN C 12 -21.15 23.26 5.42
C ASN C 12 -21.92 24.55 5.72
N SER C 13 -21.72 25.56 4.86
CA SER C 13 -22.43 26.82 5.08
C SER C 13 -23.93 26.69 4.87
N ALA C 14 -24.38 25.73 4.08
CA ALA C 14 -25.84 25.54 3.92
C ALA C 14 -26.18 24.05 3.87
#